data_8WFE
#
_entry.id   8WFE
#
_cell.length_a   91.808
_cell.length_b   62.297
_cell.length_c   118.415
_cell.angle_alpha   90.000
_cell.angle_beta   101.730
_cell.angle_gamma   90.000
#
_symmetry.space_group_name_H-M   'C 1 2 1'
#
loop_
_entity.id
_entity.type
_entity.pdbx_description
1 polymer 'Peroxisome proliferator-activated receptor gamma'
2 non-polymer 1,2-ETHANEDIOL
3 non-polymer DI(HYDROXYETHYL)ETHER
4 water water
#
_entity_poly.entity_id   1
_entity_poly.type   'polypeptide(L)'
_entity_poly.pdbx_seq_one_letter_code
;PESADLRALAKHLYDSYIKSFPLTKAKARAILTGKTTDKSPFVIYDMNSLMMGEDKIKFKHITPLQEQSKEVAIRIFQGC
QFRSVEAVQEITEYAKSIPGFVNLDLNDQVTLLKYGVHEIIYTMLASLMNKDGVLISEGQGFMTREFLKSLRKPFGDFME
PKFEFAVKFNALELDDSDLAIFIAVIILSGDRPGLLNVKPIEDIQDNLLQALELQLKLNHPESSQLFAKLLQKMTDLRQI
VTEHVQLLQVIKKTETDMSLHPLLQEIYKDLY
;
_entity_poly.pdbx_strand_id   A,B
#
loop_
_chem_comp.id
_chem_comp.type
_chem_comp.name
_chem_comp.formula
EDO non-polymer 1,2-ETHANEDIOL 'C2 H6 O2'
PEG non-polymer DI(HYDROXYETHYL)ETHER 'C4 H10 O3'
#
# COMPACT_ATOMS: atom_id res chain seq x y z
N GLU A 2 11.35 -17.12 20.46
CA GLU A 2 10.50 -17.92 21.38
C GLU A 2 9.09 -17.32 21.43
N SER A 3 8.09 -18.15 21.13
CA SER A 3 6.72 -17.69 20.98
C SER A 3 6.15 -17.21 22.30
N ALA A 4 6.75 -17.64 23.42
CA ALA A 4 6.37 -17.18 24.75
C ALA A 4 6.71 -15.70 24.94
N ASP A 5 7.83 -15.25 24.33
CA ASP A 5 8.22 -13.85 24.38
C ASP A 5 7.25 -13.01 23.56
N LEU A 6 6.77 -13.58 22.44
CA LEU A 6 5.86 -12.89 21.54
C LEU A 6 4.48 -12.73 22.18
N ARG A 7 4.09 -13.68 23.05
CA ARG A 7 2.82 -13.60 23.74
C ARG A 7 2.88 -12.54 24.82
N ALA A 8 3.99 -12.49 25.56
CA ALA A 8 4.23 -11.50 26.58
C ALA A 8 4.17 -10.10 25.97
N LEU A 9 4.70 -9.96 24.74
CA LEU A 9 4.70 -8.70 24.03
C LEU A 9 3.27 -8.31 23.68
N ALA A 10 2.51 -9.26 23.13
CA ALA A 10 1.11 -9.04 22.79
C ALA A 10 0.33 -8.59 24.03
N LYS A 11 0.57 -9.27 25.16
CA LYS A 11 -0.06 -8.94 26.42
C LYS A 11 0.31 -7.51 26.83
N HIS A 12 1.60 -7.16 26.72
CA HIS A 12 2.09 -5.84 27.10
C HIS A 12 1.38 -4.77 26.28
N LEU A 13 1.26 -5.00 24.96
CA LEU A 13 0.75 -4.00 24.05
C LEU A 13 -0.75 -3.83 24.26
N TYR A 14 -1.47 -4.94 24.38
CA TYR A 14 -2.91 -4.87 24.63
C TYR A 14 -3.15 -4.06 25.90
N ASP A 15 -2.34 -4.32 26.93
CA ASP A 15 -2.50 -3.69 28.23
C ASP A 15 -2.31 -2.18 28.10
N SER A 16 -1.31 -1.76 27.32
CA SER A 16 -0.98 -0.35 27.12
CA SER A 16 -0.98 -0.36 27.13
C SER A 16 -2.04 0.33 26.28
N TYR A 17 -2.65 -0.43 25.36
CA TYR A 17 -3.72 0.08 24.50
C TYR A 17 -4.95 0.39 25.34
N ILE A 18 -5.33 -0.53 26.23
CA ILE A 18 -6.47 -0.28 27.10
C ILE A 18 -6.24 1.01 27.89
N LYS A 19 -5.01 1.19 28.37
CA LYS A 19 -4.67 2.30 29.25
C LYS A 19 -4.60 3.61 28.46
N SER A 20 -4.29 3.54 27.16
CA SER A 20 -4.07 4.74 26.36
C SER A 20 -5.34 5.21 25.67
N PHE A 21 -6.26 4.28 25.36
CA PHE A 21 -7.39 4.58 24.50
C PHE A 21 -8.71 4.37 25.25
N PRO A 22 -9.38 5.45 25.73
CA PRO A 22 -10.61 5.31 26.50
C PRO A 22 -11.74 4.56 25.79
N LEU A 23 -11.85 4.75 24.46
CA LEU A 23 -12.94 4.17 23.69
C LEU A 23 -12.40 3.05 22.81
N THR A 24 -12.50 1.82 23.33
CA THR A 24 -12.06 0.62 22.62
C THR A 24 -13.13 0.18 21.63
N LYS A 25 -12.75 -0.73 20.73
CA LYS A 25 -13.68 -1.31 19.78
C LYS A 25 -14.76 -2.09 20.53
N ALA A 26 -14.35 -2.87 21.54
CA ALA A 26 -15.28 -3.63 22.36
C ALA A 26 -16.41 -2.73 22.87
N LYS A 27 -16.04 -1.60 23.50
CA LYS A 27 -17.01 -0.64 23.99
C LYS A 27 -17.87 -0.11 22.84
N ALA A 28 -17.21 0.27 21.73
CA ALA A 28 -17.87 0.83 20.56
C ALA A 28 -18.94 -0.13 20.02
N ARG A 29 -18.63 -1.43 19.99
CA ARG A 29 -19.53 -2.42 19.44
C ARG A 29 -20.73 -2.62 20.39
N ALA A 30 -20.46 -2.67 21.69
CA ALA A 30 -21.53 -2.81 22.67
C ALA A 30 -22.51 -1.65 22.53
N ILE A 31 -22.01 -0.45 22.22
CA ILE A 31 -22.86 0.72 22.02
C ILE A 31 -23.64 0.58 20.71
N LEU A 32 -22.95 0.20 19.62
CA LEU A 32 -23.56 0.17 18.30
C LEU A 32 -24.54 -1.01 18.16
N THR A 33 -24.34 -2.09 18.92
CA THR A 33 -25.17 -3.27 18.80
C THR A 33 -26.51 -3.04 19.51
N GLY A 34 -26.45 -2.53 20.73
CA GLY A 34 -27.61 -2.43 21.61
C GLY A 34 -27.46 -3.29 22.86
N LYS A 35 -26.21 -3.51 23.28
CA LYS A 35 -25.89 -4.32 24.45
C LYS A 35 -26.13 -3.50 25.72
N THR A 36 -26.34 -4.21 26.84
CA THR A 36 -26.81 -3.61 28.08
C THR A 36 -25.63 -3.28 29.01
N THR A 37 -24.40 -3.58 28.56
CA THR A 37 -23.20 -3.14 29.25
C THR A 37 -23.00 -1.64 29.04
N ASP A 38 -23.51 -1.14 27.91
CA ASP A 38 -23.37 0.27 27.56
C ASP A 38 -24.73 0.86 27.23
N LYS A 39 -24.76 2.18 27.07
CA LYS A 39 -26.01 2.92 26.88
C LYS A 39 -26.11 3.40 25.44
N SER A 40 -27.30 3.89 25.08
CA SER A 40 -27.64 4.21 23.70
C SER A 40 -27.18 5.61 23.35
N PRO A 41 -26.73 5.85 22.10
CA PRO A 41 -26.34 7.18 21.65
C PRO A 41 -27.45 7.99 20.97
N PHE A 42 -27.36 9.32 21.09
CA PHE A 42 -28.24 10.22 20.36
C PHE A 42 -27.78 10.27 18.92
N VAL A 43 -28.74 10.22 17.98
CA VAL A 43 -28.41 10.09 16.57
C VAL A 43 -28.64 11.41 15.85
N ILE A 44 -27.62 11.86 15.11
CA ILE A 44 -27.68 13.05 14.27
C ILE A 44 -27.75 12.59 12.82
N TYR A 45 -28.82 12.99 12.13
CA TYR A 45 -29.03 12.60 10.74
C TYR A 45 -29.48 13.80 9.89
N ASP A 46 -29.64 14.98 10.53
CA ASP A 46 -30.09 16.18 9.83
C ASP A 46 -29.78 17.40 10.68
N MET A 47 -30.04 18.58 10.09
CA MET A 47 -29.78 19.87 10.74
C MET A 47 -30.53 19.96 12.07
N ASN A 48 -31.78 19.47 12.07
CA ASN A 48 -32.64 19.54 13.24
C ASN A 48 -32.02 18.70 14.37
N SER A 49 -31.77 17.42 14.08
CA SER A 49 -31.20 16.51 15.07
C SER A 49 -29.85 17.04 15.56
N LEU A 50 -29.01 17.52 14.63
CA LEU A 50 -27.73 18.10 14.98
C LEU A 50 -27.93 19.15 16.08
N MET A 51 -28.81 20.11 15.80
CA MET A 51 -29.08 21.23 16.71
C MET A 51 -29.58 20.71 18.06
N MET A 52 -30.50 19.76 18.04
CA MET A 52 -31.02 19.17 19.26
C MET A 52 -29.90 18.42 19.98
N GLY A 53 -29.08 17.69 19.21
CA GLY A 53 -27.96 16.94 19.75
C GLY A 53 -26.96 17.83 20.47
N GLU A 54 -26.75 19.05 19.92
CA GLU A 54 -25.82 20.01 20.49
C GLU A 54 -26.22 20.41 21.90
N ASP A 55 -27.53 20.35 22.18
CA ASP A 55 -28.05 20.60 23.52
C ASP A 55 -27.61 19.49 24.45
N LYS A 56 -27.96 18.24 24.11
CA LYS A 56 -27.78 17.10 25.00
C LYS A 56 -26.31 16.72 25.10
N ILE A 57 -25.69 16.40 23.96
CA ILE A 57 -24.33 15.87 23.91
C ILE A 57 -23.37 16.87 24.54
N LYS A 58 -23.39 18.11 24.03
CA LYS A 58 -22.43 19.13 24.42
C LYS A 58 -23.19 20.34 24.99
N GLU A 71 -21.32 28.11 10.82
CA GLU A 71 -21.82 27.21 9.74
C GLU A 71 -21.70 25.76 10.20
N VAL A 72 -22.76 24.97 9.94
CA VAL A 72 -22.88 23.62 10.47
C VAL A 72 -21.69 22.78 10.00
N ALA A 73 -21.37 22.83 8.70
CA ALA A 73 -20.34 21.99 8.12
C ALA A 73 -18.97 22.29 8.75
N ILE A 74 -18.71 23.56 9.02
CA ILE A 74 -17.46 24.00 9.62
C ILE A 74 -17.44 23.57 11.08
N ARG A 75 -18.58 23.68 11.77
CA ARG A 75 -18.67 23.34 13.18
C ARG A 75 -18.46 21.84 13.37
N ILE A 76 -18.98 21.03 12.44
CA ILE A 76 -18.74 19.60 12.45
C ILE A 76 -17.25 19.34 12.22
N PHE A 77 -16.69 20.02 11.21
CA PHE A 77 -15.29 19.81 10.82
C PHE A 77 -14.36 20.14 11.99
N GLN A 78 -14.64 21.23 12.72
CA GLN A 78 -13.76 21.67 13.78
C GLN A 78 -13.87 20.74 14.99
N GLY A 79 -15.06 20.13 15.17
CA GLY A 79 -15.25 19.09 16.17
C GLY A 79 -14.41 17.85 15.86
N CYS A 80 -14.46 17.41 14.59
CA CYS A 80 -13.67 16.28 14.13
CA CYS A 80 -13.67 16.28 14.13
C CYS A 80 -12.18 16.56 14.30
N GLN A 81 -11.77 17.82 14.10
CA GLN A 81 -10.38 18.20 14.21
C GLN A 81 -9.94 18.19 15.68
N PHE A 82 -10.83 18.63 16.57
CA PHE A 82 -10.56 18.59 18.01
C PHE A 82 -10.37 17.14 18.43
N ARG A 83 -11.15 16.22 17.85
CA ARG A 83 -11.06 14.81 18.19
C ARG A 83 -9.73 14.24 17.66
N SER A 84 -9.30 14.70 16.48
CA SER A 84 -8.01 14.28 15.93
C SER A 84 -6.87 14.67 16.86
N VAL A 85 -6.96 15.87 17.45
CA VAL A 85 -5.97 16.34 18.41
C VAL A 85 -5.90 15.37 19.59
N GLU A 86 -7.07 14.99 20.12
CA GLU A 86 -7.13 14.11 21.27
C GLU A 86 -6.55 12.75 20.91
N ALA A 87 -6.86 12.27 19.70
CA ALA A 87 -6.37 10.98 19.22
C ALA A 87 -4.85 10.98 19.16
N VAL A 88 -4.28 12.09 18.64
CA VAL A 88 -2.83 12.22 18.54
C VAL A 88 -2.21 12.07 19.92
N GLN A 89 -2.82 12.71 20.93
CA GLN A 89 -2.32 12.65 22.29
C GLN A 89 -2.31 11.19 22.78
N GLU A 90 -3.40 10.47 22.53
CA GLU A 90 -3.54 9.10 22.97
C GLU A 90 -2.48 8.24 22.28
N ILE A 91 -2.37 8.38 20.95
CA ILE A 91 -1.43 7.61 20.14
C ILE A 91 -0.01 7.88 20.61
N THR A 92 0.33 9.15 20.87
CA THR A 92 1.66 9.47 21.37
C THR A 92 1.94 8.70 22.66
N GLU A 93 0.94 8.67 23.56
CA GLU A 93 1.11 8.02 24.85
C GLU A 93 1.31 6.52 24.64
N TYR A 94 0.58 5.94 23.68
CA TYR A 94 0.68 4.52 23.38
C TYR A 94 2.06 4.18 22.82
N ALA A 95 2.58 5.03 21.93
CA ALA A 95 3.85 4.80 21.26
C ALA A 95 4.99 4.65 22.27
N LYS A 96 5.01 5.52 23.27
CA LYS A 96 6.02 5.50 24.31
C LYS A 96 6.10 4.13 24.98
N SER A 97 4.98 3.41 25.02
CA SER A 97 4.90 2.11 25.66
C SER A 97 5.47 0.99 24.78
N ILE A 98 5.66 1.25 23.48
CA ILE A 98 6.16 0.20 22.59
C ILE A 98 7.65 -0.02 22.89
N PRO A 99 8.07 -1.22 23.34
CA PRO A 99 9.46 -1.44 23.70
C PRO A 99 10.41 -1.03 22.57
N GLY A 100 11.39 -0.19 22.91
CA GLY A 100 12.40 0.26 21.96
C GLY A 100 12.12 1.68 21.45
N PHE A 101 10.85 2.10 21.48
CA PHE A 101 10.47 3.33 20.81
C PHE A 101 11.17 4.53 21.45
N VAL A 102 11.08 4.65 22.79
CA VAL A 102 11.58 5.82 23.49
C VAL A 102 13.11 5.85 23.44
N ASN A 103 13.73 4.71 23.10
CA ASN A 103 15.18 4.61 23.04
C ASN A 103 15.70 5.03 21.67
N LEU A 104 14.80 5.33 20.72
CA LEU A 104 15.21 5.73 19.37
C LEU A 104 15.67 7.18 19.42
N ASP A 105 16.48 7.58 18.44
CA ASP A 105 16.82 8.97 18.21
C ASP A 105 15.52 9.77 18.27
N LEU A 106 15.55 10.90 18.97
CA LEU A 106 14.35 11.71 19.20
C LEU A 106 13.76 12.16 17.87
N ASN A 107 14.62 12.52 16.91
CA ASN A 107 14.17 13.00 15.62
C ASN A 107 13.35 11.91 14.92
N ASP A 108 13.80 10.67 15.05
CA ASP A 108 13.08 9.53 14.50
C ASP A 108 11.74 9.36 15.21
N GLN A 109 11.74 9.44 16.55
CA GLN A 109 10.49 9.34 17.30
C GLN A 109 9.46 10.28 16.70
N VAL A 110 9.85 11.55 16.53
CA VAL A 110 8.97 12.60 16.03
C VAL A 110 8.53 12.28 14.60
N THR A 111 9.45 11.74 13.78
CA THR A 111 9.14 11.42 12.40
C THR A 111 8.15 10.25 12.35
N LEU A 112 8.29 9.28 13.25
CA LEU A 112 7.42 8.12 13.29
C LEU A 112 6.00 8.54 13.69
N LEU A 113 5.88 9.45 14.66
CA LEU A 113 4.57 9.94 15.08
C LEU A 113 3.97 10.81 13.98
N LYS A 114 4.81 11.63 13.33
CA LYS A 114 4.37 12.56 12.32
C LYS A 114 3.57 11.86 11.22
N TYR A 115 4.09 10.73 10.72
CA TYR A 115 3.48 10.02 9.60
C TYR A 115 2.56 8.91 10.08
N GLY A 116 2.76 8.46 11.33
CA GLY A 116 2.08 7.28 11.84
C GLY A 116 0.65 7.56 12.27
N VAL A 117 0.40 8.76 12.82
CA VAL A 117 -0.80 9.01 13.60
C VAL A 117 -2.04 8.95 12.71
N HIS A 118 -1.95 9.52 11.49
CA HIS A 118 -3.10 9.53 10.60
C HIS A 118 -3.52 8.12 10.23
N GLU A 119 -2.53 7.26 9.91
CA GLU A 119 -2.83 5.88 9.57
C GLU A 119 -3.52 5.18 10.74
N ILE A 120 -3.10 5.54 11.96
CA ILE A 120 -3.67 4.98 13.17
C ILE A 120 -5.06 5.57 13.42
N ILE A 121 -5.20 6.89 13.24
CA ILE A 121 -6.45 7.57 13.49
C ILE A 121 -7.57 6.88 12.70
N TYR A 122 -7.36 6.68 11.39
CA TYR A 122 -8.40 6.12 10.54
C TYR A 122 -8.58 4.63 10.82
N THR A 123 -7.51 3.95 11.28
CA THR A 123 -7.62 2.55 11.67
C THR A 123 -8.62 2.42 12.82
N MET A 124 -8.43 3.24 13.85
CA MET A 124 -9.22 3.15 15.07
C MET A 124 -10.58 3.81 14.88
N LEU A 125 -10.68 4.73 13.91
CA LEU A 125 -11.94 5.35 13.54
C LEU A 125 -12.89 4.30 12.98
N ALA A 126 -12.34 3.27 12.33
CA ALA A 126 -13.11 2.15 11.82
C ALA A 126 -13.85 1.45 12.97
N SER A 127 -13.21 1.37 14.14
CA SER A 127 -13.81 0.74 15.31
C SER A 127 -15.12 1.44 15.70
N LEU A 128 -15.24 2.73 15.36
CA LEU A 128 -16.39 3.54 15.78
C LEU A 128 -17.45 3.59 14.67
N MET A 129 -17.25 2.81 13.60
CA MET A 129 -18.04 2.96 12.39
C MET A 129 -18.81 1.68 12.06
N ASN A 130 -19.98 1.88 11.45
CA ASN A 130 -20.61 0.87 10.61
C ASN A 130 -20.93 1.54 9.27
N LYS A 131 -21.62 0.81 8.38
CA LYS A 131 -21.98 1.31 7.07
C LYS A 131 -22.89 2.55 7.19
N ASP A 132 -23.60 2.69 8.33
CA ASP A 132 -24.63 3.70 8.50
C ASP A 132 -24.09 4.99 9.12
N GLY A 133 -22.97 4.92 9.86
CA GLY A 133 -22.48 6.12 10.54
C GLY A 133 -21.34 5.83 11.51
N VAL A 134 -21.07 6.82 12.37
CA VAL A 134 -19.87 6.85 13.19
C VAL A 134 -20.23 7.39 14.58
N LEU A 135 -19.65 6.78 15.62
CA LEU A 135 -19.81 7.26 16.99
C LEU A 135 -18.99 8.55 17.16
N ILE A 136 -19.52 9.47 17.97
CA ILE A 136 -18.82 10.71 18.28
C ILE A 136 -18.99 11.00 19.76
N SER A 137 -18.18 11.94 20.26
CA SER A 137 -18.24 12.40 21.64
C SER A 137 -18.24 11.21 22.60
N GLU A 138 -17.19 10.39 22.48
CA GLU A 138 -16.91 9.30 23.41
C GLU A 138 -18.04 8.27 23.42
N GLY A 139 -18.80 8.19 22.31
CA GLY A 139 -19.84 7.19 22.16
C GLY A 139 -21.23 7.71 22.50
N GLN A 140 -21.33 8.97 22.96
CA GLN A 140 -22.60 9.55 23.38
C GLN A 140 -23.46 9.90 22.16
N GLY A 141 -22.79 10.17 21.03
CA GLY A 141 -23.48 10.56 19.81
C GLY A 141 -23.26 9.54 18.70
N PHE A 142 -23.98 9.72 17.59
CA PHE A 142 -23.80 8.92 16.40
C PHE A 142 -24.25 9.76 15.20
N MET A 143 -23.29 10.11 14.33
CA MET A 143 -23.57 10.91 13.17
C MET A 143 -23.70 9.98 11.96
N THR A 144 -24.76 10.19 11.17
CA THR A 144 -25.08 9.36 10.03
C THR A 144 -24.08 9.62 8.90
N ARG A 145 -23.88 8.61 8.06
CA ARG A 145 -23.06 8.73 6.86
C ARG A 145 -23.70 9.72 5.89
N GLU A 146 -25.00 9.51 5.61
CA GLU A 146 -25.78 10.34 4.71
C GLU A 146 -25.67 11.82 5.08
N PHE A 147 -25.90 12.13 6.37
CA PHE A 147 -25.83 13.49 6.85
C PHE A 147 -24.46 14.09 6.52
N LEU A 148 -23.40 13.33 6.82
CA LEU A 148 -22.03 13.78 6.60
C LEU A 148 -21.79 14.02 5.11
N LYS A 149 -22.37 13.17 4.27
CA LYS A 149 -22.15 13.21 2.83
C LYS A 149 -22.90 14.39 2.18
N SER A 150 -23.88 14.96 2.90
CA SER A 150 -24.75 15.98 2.33
C SER A 150 -24.26 17.40 2.66
N LEU A 151 -23.10 17.52 3.33
CA LEU A 151 -22.60 18.82 3.78
C LEU A 151 -22.10 19.62 2.58
N ARG A 152 -21.80 20.90 2.83
CA ARG A 152 -21.38 21.86 1.81
C ARG A 152 -20.18 21.30 1.05
N LYS A 153 -20.08 21.67 -0.24
CA LYS A 153 -19.33 20.94 -1.26
C LYS A 153 -17.99 20.40 -0.77
N PRO A 154 -17.11 21.21 -0.15
CA PRO A 154 -15.81 20.70 0.30
C PRO A 154 -15.93 19.62 1.38
N PHE A 155 -16.76 19.89 2.39
CA PHE A 155 -16.85 19.05 3.57
C PHE A 155 -17.72 17.81 3.31
N GLY A 156 -18.35 17.74 2.13
CA GLY A 156 -19.23 16.64 1.78
C GLY A 156 -18.50 15.31 1.66
N ASP A 157 -17.38 15.30 0.91
CA ASP A 157 -16.64 14.07 0.65
C ASP A 157 -15.46 13.96 1.63
N PHE A 158 -15.63 14.52 2.82
CA PHE A 158 -14.63 14.42 3.88
C PHE A 158 -14.57 12.98 4.39
N MET A 159 -15.71 12.49 4.88
CA MET A 159 -15.75 11.25 5.65
C MET A 159 -16.02 10.03 4.78
N GLU A 160 -16.50 10.24 3.55
CA GLU A 160 -16.95 9.13 2.73
C GLU A 160 -15.85 8.08 2.58
N PRO A 161 -14.61 8.43 2.15
CA PRO A 161 -13.56 7.43 1.97
C PRO A 161 -13.19 6.67 3.25
N LYS A 162 -13.35 7.33 4.41
CA LYS A 162 -13.11 6.70 5.70
C LYS A 162 -14.11 5.56 5.91
N PHE A 163 -15.38 5.80 5.56
CA PHE A 163 -16.43 4.80 5.69
C PHE A 163 -16.13 3.61 4.78
N GLU A 164 -15.75 3.89 3.53
CA GLU A 164 -15.49 2.86 2.55
C GLU A 164 -14.35 1.96 3.03
N PHE A 165 -13.30 2.57 3.60
CA PHE A 165 -12.22 1.81 4.21
C PHE A 165 -12.76 1.01 5.41
N ALA A 166 -13.55 1.66 6.25
CA ALA A 166 -14.02 1.05 7.50
C ALA A 166 -14.83 -0.22 7.19
N VAL A 167 -15.68 -0.15 6.16
CA VAL A 167 -16.54 -1.26 5.78
C VAL A 167 -15.70 -2.51 5.54
N LYS A 168 -14.62 -2.35 4.76
CA LYS A 168 -13.76 -3.46 4.39
C LYS A 168 -12.85 -3.85 5.56
N PHE A 169 -12.35 -2.84 6.30
CA PHE A 169 -11.45 -3.11 7.41
C PHE A 169 -12.21 -3.84 8.52
N ASN A 170 -13.47 -3.46 8.76
CA ASN A 170 -14.27 -4.09 9.80
C ASN A 170 -14.63 -5.53 9.40
N ALA A 171 -14.55 -5.83 8.10
CA ALA A 171 -14.82 -7.18 7.60
C ALA A 171 -13.81 -8.18 8.13
N LEU A 172 -12.61 -7.71 8.52
CA LEU A 172 -11.56 -8.55 9.08
C LEU A 172 -11.95 -9.02 10.48
N GLU A 173 -12.83 -8.27 11.16
CA GLU A 173 -13.36 -8.61 12.47
C GLU A 173 -12.23 -8.68 13.51
N LEU A 174 -11.33 -7.71 13.45
CA LEU A 174 -10.26 -7.62 14.45
C LEU A 174 -10.86 -7.21 15.79
N ASP A 175 -10.24 -7.66 16.88
CA ASP A 175 -10.56 -7.18 18.21
C ASP A 175 -9.43 -6.27 18.66
N ASP A 176 -9.56 -5.68 19.86
CA ASP A 176 -8.64 -4.67 20.35
C ASP A 176 -7.24 -5.24 20.50
N SER A 177 -7.14 -6.48 20.99
CA SER A 177 -5.85 -7.14 21.18
C SER A 177 -5.08 -7.21 19.87
N ASP A 178 -5.77 -7.51 18.77
CA ASP A 178 -5.16 -7.55 17.46
C ASP A 178 -4.73 -6.14 17.07
N LEU A 179 -5.64 -5.18 17.24
CA LEU A 179 -5.40 -3.81 16.82
C LEU A 179 -4.16 -3.24 17.52
N ALA A 180 -4.01 -3.55 18.82
CA ALA A 180 -2.92 -3.01 19.61
C ALA A 180 -1.58 -3.26 18.91
N ILE A 181 -1.39 -4.49 18.42
CA ILE A 181 -0.13 -4.89 17.82
C ILE A 181 -0.01 -4.27 16.43
N PHE A 182 -1.10 -4.29 15.66
CA PHE A 182 -1.12 -3.73 14.32
C PHE A 182 -0.78 -2.24 14.38
N ILE A 183 -1.35 -1.53 15.36
CA ILE A 183 -1.10 -0.10 15.53
C ILE A 183 0.38 0.10 15.81
N ALA A 184 0.98 -0.83 16.56
CA ALA A 184 2.40 -0.76 16.89
C ALA A 184 3.23 -0.94 15.62
N VAL A 185 2.84 -1.90 14.77
CA VAL A 185 3.51 -2.15 13.50
C VAL A 185 3.58 -0.86 12.70
N ILE A 186 2.45 -0.14 12.63
CA ILE A 186 2.32 1.06 11.82
C ILE A 186 3.29 2.14 12.29
N ILE A 187 3.41 2.34 13.61
CA ILE A 187 4.23 3.41 14.15
C ILE A 187 5.68 3.16 13.76
N LEU A 188 6.12 1.91 13.93
CA LEU A 188 7.50 1.52 13.68
C LEU A 188 7.66 1.15 12.21
N SER A 189 7.40 2.11 11.31
CA SER A 189 7.63 1.94 9.89
C SER A 189 8.97 2.57 9.53
N GLY A 190 9.92 1.73 9.07
CA GLY A 190 11.26 2.19 8.75
C GLY A 190 11.34 2.92 7.41
N ASP A 191 10.21 3.02 6.70
CA ASP A 191 10.19 3.62 5.37
C ASP A 191 9.71 5.07 5.40
N ARG A 192 9.58 5.66 6.60
CA ARG A 192 9.10 7.04 6.69
C ARG A 192 10.16 7.99 6.13
N PRO A 193 9.75 9.10 5.48
CA PRO A 193 10.71 10.08 4.95
C PRO A 193 11.53 10.74 6.05
N GLY A 194 12.87 10.66 5.91
CA GLY A 194 13.80 11.46 6.69
C GLY A 194 14.23 10.77 7.99
N LEU A 195 14.13 9.44 8.03
CA LEU A 195 14.57 8.67 9.19
C LEU A 195 16.10 8.59 9.19
N LEU A 196 16.70 8.80 10.36
CA LEU A 196 18.14 8.85 10.50
C LEU A 196 18.70 7.45 10.68
N ASN A 197 17.99 6.59 11.43
CA ASN A 197 18.40 5.22 11.65
C ASN A 197 17.22 4.29 11.38
N VAL A 198 17.27 3.57 10.24
CA VAL A 198 16.19 2.71 9.82
C VAL A 198 16.33 1.33 10.46
N LYS A 199 17.56 0.85 10.59
CA LYS A 199 17.82 -0.50 11.07
C LYS A 199 17.20 -0.73 12.45
N PRO A 200 17.35 0.18 13.43
CA PRO A 200 16.80 -0.04 14.78
C PRO A 200 15.28 -0.09 14.78
N ILE A 201 14.67 0.76 13.95
CA ILE A 201 13.22 0.77 13.76
C ILE A 201 12.77 -0.55 13.17
N GLU A 202 13.45 -1.00 12.11
CA GLU A 202 13.06 -2.22 11.41
C GLU A 202 13.15 -3.44 12.33
N ASP A 203 14.16 -3.48 13.20
CA ASP A 203 14.36 -4.60 14.11
C ASP A 203 13.20 -4.71 15.10
N ILE A 204 12.68 -3.55 15.54
CA ILE A 204 11.53 -3.53 16.43
C ILE A 204 10.28 -3.99 15.66
N GLN A 205 10.10 -3.47 14.44
CA GLN A 205 8.93 -3.79 13.64
C GLN A 205 8.89 -5.28 13.34
N ASP A 206 10.07 -5.88 13.13
CA ASP A 206 10.15 -7.29 12.77
C ASP A 206 9.65 -8.15 13.93
N ASN A 207 9.95 -7.74 15.17
CA ASN A 207 9.52 -8.47 16.36
C ASN A 207 8.02 -8.25 16.56
N LEU A 208 7.54 -7.03 16.28
CA LEU A 208 6.11 -6.73 16.33
C LEU A 208 5.37 -7.60 15.31
N LEU A 209 5.88 -7.67 14.07
CA LEU A 209 5.26 -8.48 13.03
C LEU A 209 5.16 -9.94 13.48
N GLN A 210 6.25 -10.47 14.05
CA GLN A 210 6.24 -11.81 14.62
C GLN A 210 5.11 -11.96 15.64
N ALA A 211 4.94 -10.94 16.49
CA ALA A 211 3.95 -10.97 17.56
C ALA A 211 2.54 -10.91 16.97
N LEU A 212 2.35 -10.07 15.94
CA LEU A 212 1.07 -9.94 15.27
C LEU A 212 0.70 -11.28 14.61
N GLU A 213 1.64 -11.83 13.84
CA GLU A 213 1.46 -13.11 13.15
C GLU A 213 0.89 -14.13 14.13
N LEU A 214 1.57 -14.32 15.26
CA LEU A 214 1.19 -15.32 16.23
C LEU A 214 -0.18 -15.00 16.81
N GLN A 215 -0.40 -13.72 17.16
CA GLN A 215 -1.66 -13.26 17.73
C GLN A 215 -2.83 -13.65 16.83
N LEU A 216 -2.70 -13.37 15.52
CA LEU A 216 -3.78 -13.61 14.58
C LEU A 216 -4.02 -15.10 14.37
N LYS A 217 -2.95 -15.91 14.50
CA LYS A 217 -3.07 -17.35 14.36
C LYS A 217 -3.79 -17.94 15.57
N LEU A 218 -3.52 -17.39 16.76
CA LEU A 218 -4.09 -17.93 17.99
C LEU A 218 -5.53 -17.43 18.17
N ASN A 219 -5.75 -16.13 17.89
CA ASN A 219 -7.03 -15.51 18.20
C ASN A 219 -8.05 -15.78 17.09
N HIS A 220 -7.58 -15.83 15.83
CA HIS A 220 -8.44 -16.12 14.70
C HIS A 220 -7.97 -17.37 13.97
N PRO A 221 -8.05 -18.57 14.60
CA PRO A 221 -7.44 -19.78 14.05
C PRO A 221 -8.06 -20.37 12.78
N GLU A 222 -9.26 -19.91 12.41
CA GLU A 222 -9.94 -20.38 11.21
C GLU A 222 -9.99 -19.29 10.14
N SER A 223 -9.51 -18.09 10.48
CA SER A 223 -9.44 -17.00 9.52
C SER A 223 -8.11 -17.08 8.77
N SER A 224 -8.14 -17.70 7.59
CA SER A 224 -6.95 -18.08 6.85
C SER A 224 -6.30 -16.86 6.20
N GLN A 225 -5.00 -16.68 6.47
CA GLN A 225 -4.19 -15.60 5.91
C GLN A 225 -4.70 -14.23 6.34
N LEU A 226 -5.22 -14.13 7.56
CA LEU A 226 -5.69 -12.85 8.10
C LEU A 226 -4.50 -11.89 8.18
N PHE A 227 -3.35 -12.41 8.62
CA PHE A 227 -2.11 -11.67 8.71
C PHE A 227 -1.83 -10.95 7.40
N ALA A 228 -1.78 -11.72 6.30
CA ALA A 228 -1.45 -11.17 4.99
C ALA A 228 -2.50 -10.14 4.55
N LYS A 229 -3.78 -10.43 4.81
CA LYS A 229 -4.86 -9.53 4.43
C LYS A 229 -4.75 -8.21 5.21
N LEU A 230 -4.45 -8.29 6.51
CA LEU A 230 -4.33 -7.11 7.35
C LEU A 230 -3.24 -6.18 6.81
N LEU A 231 -2.07 -6.74 6.45
CA LEU A 231 -0.97 -5.92 5.95
C LEU A 231 -1.37 -5.26 4.63
N GLN A 232 -2.18 -5.93 3.81
CA GLN A 232 -2.61 -5.39 2.53
C GLN A 232 -3.51 -4.16 2.71
N LYS A 233 -4.11 -4.00 3.89
CA LYS A 233 -4.99 -2.86 4.15
C LYS A 233 -4.21 -1.56 4.26
N MET A 234 -2.87 -1.65 4.35
CA MET A 234 -2.02 -0.47 4.42
C MET A 234 -2.23 0.41 3.20
N THR A 235 -2.43 -0.22 2.03
CA THR A 235 -2.62 0.51 0.78
C THR A 235 -3.79 1.47 0.93
N ASP A 236 -4.91 0.93 1.44
CA ASP A 236 -6.15 1.69 1.61
C ASP A 236 -5.91 2.84 2.59
N LEU A 237 -5.14 2.58 3.65
CA LEU A 237 -4.86 3.58 4.68
C LEU A 237 -4.11 4.77 4.08
N ARG A 238 -3.03 4.49 3.34
CA ARG A 238 -2.21 5.55 2.77
C ARG A 238 -3.04 6.42 1.82
N GLN A 239 -3.98 5.80 1.10
CA GLN A 239 -4.83 6.52 0.15
C GLN A 239 -5.69 7.55 0.89
N ILE A 240 -6.30 7.13 2.01
CA ILE A 240 -7.14 8.00 2.81
C ILE A 240 -6.36 9.26 3.19
N VAL A 241 -5.14 9.04 3.69
CA VAL A 241 -4.28 10.12 4.17
C VAL A 241 -4.09 11.16 3.07
N THR A 242 -3.71 10.70 1.87
CA THR A 242 -3.38 11.59 0.75
C THR A 242 -4.61 12.40 0.34
N GLU A 243 -5.79 11.76 0.30
CA GLU A 243 -7.03 12.43 -0.05
C GLU A 243 -7.35 13.51 0.99
N HIS A 244 -7.12 13.17 2.27
CA HIS A 244 -7.39 14.07 3.38
C HIS A 244 -6.49 15.30 3.29
N VAL A 245 -5.19 15.07 3.10
CA VAL A 245 -4.20 16.12 3.03
C VAL A 245 -4.59 17.14 1.97
N GLN A 246 -4.90 16.66 0.76
CA GLN A 246 -5.15 17.54 -0.38
C GLN A 246 -6.52 18.21 -0.22
N LEU A 247 -7.41 17.62 0.59
CA LEU A 247 -8.68 18.22 0.91
C LEU A 247 -8.49 19.40 1.88
N LEU A 248 -7.48 19.30 2.76
CA LEU A 248 -7.19 20.34 3.74
C LEU A 248 -6.59 21.58 3.07
N GLN A 249 -5.85 21.37 1.98
CA GLN A 249 -5.28 22.48 1.23
C GLN A 249 -6.39 23.35 0.66
N VAL A 250 -7.46 22.70 0.18
CA VAL A 250 -8.63 23.40 -0.33
C VAL A 250 -9.17 24.33 0.76
N ILE A 251 -9.33 23.78 1.97
CA ILE A 251 -9.95 24.50 3.08
C ILE A 251 -9.07 25.69 3.47
N LYS A 252 -7.75 25.51 3.41
CA LYS A 252 -6.80 26.56 3.77
C LYS A 252 -6.92 27.75 2.81
N LYS A 253 -7.12 27.46 1.51
CA LYS A 253 -7.20 28.50 0.50
C LYS A 253 -8.58 29.18 0.51
N THR A 254 -9.64 28.39 0.68
CA THR A 254 -10.99 28.91 0.54
C THR A 254 -11.54 29.40 1.90
N GLU A 255 -11.00 28.86 3.00
CA GLU A 255 -11.43 29.25 4.33
C GLU A 255 -10.22 29.76 5.10
N THR A 256 -9.82 31.02 4.82
CA THR A 256 -8.66 31.62 5.45
C THR A 256 -9.01 32.07 6.88
N ASP A 257 -10.29 31.96 7.24
CA ASP A 257 -10.78 32.35 8.56
C ASP A 257 -10.65 31.18 9.54
N MET A 258 -10.45 29.96 9.02
CA MET A 258 -10.47 28.77 9.85
C MET A 258 -9.08 28.47 10.41
N SER A 259 -9.03 28.35 11.74
CA SER A 259 -7.80 28.06 12.47
C SER A 259 -7.51 26.56 12.40
N LEU A 260 -6.26 26.18 12.70
CA LEU A 260 -5.83 24.79 12.66
C LEU A 260 -4.85 24.56 13.81
N HIS A 261 -5.20 23.63 14.72
CA HIS A 261 -4.44 23.37 15.94
C HIS A 261 -2.97 23.15 15.60
N PRO A 262 -2.01 23.69 16.39
CA PRO A 262 -0.58 23.59 16.07
C PRO A 262 -0.10 22.15 15.87
N LEU A 263 -0.56 21.24 16.73
CA LEU A 263 -0.21 19.83 16.69
C LEU A 263 -0.57 19.25 15.32
N LEU A 264 -1.71 19.65 14.77
CA LEU A 264 -2.17 19.14 13.48
C LEU A 264 -1.38 19.77 12.33
N GLN A 265 -1.15 21.09 12.41
CA GLN A 265 -0.32 21.77 11.44
C GLN A 265 1.01 21.05 11.27
N GLU A 266 1.63 20.72 12.41
CA GLU A 266 2.97 20.19 12.45
C GLU A 266 3.00 18.78 11.87
N ILE A 267 1.89 18.05 12.01
CA ILE A 267 1.74 16.73 11.41
C ILE A 267 1.59 16.87 9.89
N TYR A 268 0.81 17.87 9.46
CA TYR A 268 0.47 18.04 8.05
C TYR A 268 1.63 18.67 7.27
N LYS A 269 2.55 19.34 7.97
CA LYS A 269 3.68 20.01 7.34
C LYS A 269 4.44 19.05 6.43
N ASP A 270 4.28 19.22 5.12
CA ASP A 270 5.02 18.45 4.12
C ASP A 270 5.74 19.41 3.18
N GLU B 2 -1.32 -29.16 2.96
CA GLU B 2 -0.22 -30.17 2.91
C GLU B 2 1.04 -29.50 2.35
N SER B 3 2.17 -29.73 3.02
CA SER B 3 3.43 -29.12 2.64
C SER B 3 3.82 -29.50 1.22
N ALA B 4 3.72 -30.80 0.91
CA ALA B 4 4.10 -31.34 -0.38
C ALA B 4 3.34 -30.63 -1.51
N ASP B 5 2.06 -30.33 -1.28
CA ASP B 5 1.21 -29.70 -2.28
C ASP B 5 1.64 -28.24 -2.50
N LEU B 6 2.07 -27.57 -1.41
CA LEU B 6 2.54 -26.20 -1.49
C LEU B 6 3.86 -26.14 -2.25
N ARG B 7 4.72 -27.15 -2.04
CA ARG B 7 5.98 -27.26 -2.76
C ARG B 7 5.73 -27.58 -4.23
N ALA B 8 4.67 -28.35 -4.50
CA ALA B 8 4.27 -28.70 -5.85
C ALA B 8 3.83 -27.44 -6.61
N LEU B 9 2.98 -26.64 -5.97
CA LEU B 9 2.48 -25.40 -6.53
C LEU B 9 3.66 -24.46 -6.84
N ALA B 10 4.65 -24.44 -5.94
CA ALA B 10 5.81 -23.57 -6.08
C ALA B 10 6.66 -23.97 -7.29
N LYS B 11 6.82 -25.28 -7.52
CA LYS B 11 7.62 -25.77 -8.63
C LYS B 11 6.89 -25.51 -9.95
N HIS B 12 5.57 -25.75 -9.96
CA HIS B 12 4.73 -25.50 -11.13
C HIS B 12 4.82 -24.03 -11.54
N LEU B 13 4.77 -23.14 -10.55
CA LEU B 13 4.81 -21.71 -10.81
C LEU B 13 6.20 -21.33 -11.32
N TYR B 14 7.24 -21.87 -10.69
CA TYR B 14 8.61 -21.59 -11.10
C TYR B 14 8.83 -21.99 -12.56
N ASP B 15 8.40 -23.20 -12.94
CA ASP B 15 8.61 -23.69 -14.30
C ASP B 15 7.87 -22.82 -15.30
N SER B 16 6.61 -22.47 -14.96
CA SER B 16 5.79 -21.63 -15.81
C SER B 16 6.42 -20.25 -16.01
N TYR B 17 7.06 -19.73 -14.96
CA TYR B 17 7.71 -18.43 -14.98
C TYR B 17 8.94 -18.49 -15.90
N ILE B 18 9.69 -19.59 -15.79
CA ILE B 18 10.83 -19.81 -16.67
C ILE B 18 10.38 -19.79 -18.14
N LYS B 19 9.20 -20.34 -18.43
CA LYS B 19 8.72 -20.43 -19.80
C LYS B 19 8.15 -19.08 -20.26
N SER B 20 7.56 -18.31 -19.34
CA SER B 20 6.82 -17.11 -19.71
C SER B 20 7.73 -15.90 -19.82
N PHE B 21 8.83 -15.88 -19.06
CA PHE B 21 9.67 -14.69 -18.95
C PHE B 21 11.08 -15.00 -19.43
N PRO B 22 11.44 -14.69 -20.70
CA PRO B 22 12.78 -14.94 -21.22
C PRO B 22 13.93 -14.45 -20.33
N LEU B 23 13.87 -13.18 -19.92
CA LEU B 23 14.95 -12.57 -19.15
C LEU B 23 14.62 -12.63 -17.66
N THR B 24 15.16 -13.66 -16.99
CA THR B 24 14.89 -13.91 -15.58
C THR B 24 15.88 -13.13 -14.72
N LYS B 25 15.62 -13.08 -13.41
CA LYS B 25 16.48 -12.36 -12.49
C LYS B 25 17.87 -12.99 -12.49
N ALA B 26 17.92 -14.33 -12.45
CA ALA B 26 19.18 -15.07 -12.51
C ALA B 26 20.01 -14.61 -13.71
N LYS B 27 19.39 -14.55 -14.89
CA LYS B 27 20.07 -14.16 -16.12
C LYS B 27 20.44 -12.68 -16.08
N ALA B 28 19.51 -11.83 -15.65
CA ALA B 28 19.76 -10.40 -15.50
C ALA B 28 20.95 -10.18 -14.58
N ARG B 29 21.00 -10.90 -13.47
CA ARG B 29 22.01 -10.68 -12.43
C ARG B 29 23.38 -11.07 -12.98
N ALA B 30 23.42 -12.07 -13.86
CA ALA B 30 24.66 -12.53 -14.48
C ALA B 30 25.22 -11.47 -15.42
N ILE B 31 24.33 -10.82 -16.18
CA ILE B 31 24.73 -9.79 -17.12
C ILE B 31 25.29 -8.59 -16.36
N LEU B 32 24.69 -8.27 -15.21
CA LEU B 32 25.01 -7.05 -14.48
C LEU B 32 26.35 -7.18 -13.76
N THR B 33 26.64 -8.37 -13.22
CA THR B 33 27.82 -8.55 -12.38
C THR B 33 28.97 -9.13 -13.23
N GLY B 34 28.89 -10.42 -13.56
CA GLY B 34 29.97 -11.11 -14.24
C GLY B 34 29.61 -11.48 -15.67
N LYS B 39 29.27 -12.40 -23.91
CA LYS B 39 28.76 -11.06 -24.31
C LYS B 39 28.82 -10.11 -23.12
N SER B 40 28.55 -8.83 -23.39
CA SER B 40 28.45 -7.81 -22.36
C SER B 40 27.58 -6.67 -22.86
N PRO B 41 26.84 -5.97 -21.97
CA PRO B 41 25.85 -4.98 -22.39
C PRO B 41 26.48 -3.68 -22.88
N PHE B 42 25.86 -3.08 -23.91
CA PHE B 42 26.29 -1.80 -24.42
C PHE B 42 25.62 -0.70 -23.60
N VAL B 43 26.44 0.20 -23.02
CA VAL B 43 25.99 1.12 -22.00
C VAL B 43 25.61 2.46 -22.64
N ILE B 44 24.48 3.00 -22.20
CA ILE B 44 24.00 4.29 -22.65
C ILE B 44 24.04 5.25 -21.47
N TYR B 45 24.99 6.18 -21.51
CA TYR B 45 25.30 7.06 -20.40
C TYR B 45 24.99 8.52 -20.76
N ASP B 46 24.92 8.84 -22.06
CA ASP B 46 24.72 10.21 -22.51
C ASP B 46 24.18 10.22 -23.94
N MET B 47 24.05 11.42 -24.52
CA MET B 47 23.43 11.61 -25.82
C MET B 47 24.17 10.84 -26.91
N ASN B 48 25.51 10.92 -26.92
CA ASN B 48 26.30 10.34 -28.00
C ASN B 48 26.21 8.81 -27.96
N SER B 49 26.22 8.24 -26.74
CA SER B 49 26.13 6.80 -26.56
C SER B 49 24.75 6.28 -26.94
N LEU B 50 23.70 7.07 -26.67
CA LEU B 50 22.34 6.72 -27.05
C LEU B 50 22.28 6.50 -28.56
N MET B 51 22.73 7.50 -29.31
CA MET B 51 22.62 7.51 -30.77
C MET B 51 23.47 6.39 -31.35
N MET B 52 24.63 6.13 -30.74
CA MET B 52 25.46 5.00 -31.15
C MET B 52 24.74 3.70 -30.81
N GLY B 53 24.09 3.69 -29.65
CA GLY B 53 23.31 2.55 -29.19
C GLY B 53 22.20 2.18 -30.18
N GLU B 54 21.62 3.20 -30.83
CA GLU B 54 20.57 2.98 -31.82
C GLU B 54 21.14 2.31 -33.07
N ASP B 55 22.43 2.53 -33.35
CA ASP B 55 23.11 1.90 -34.46
C ASP B 55 23.44 0.45 -34.14
N LYS B 56 24.05 0.21 -32.98
CA LYS B 56 24.54 -1.11 -32.60
C LYS B 56 23.36 -2.03 -32.31
N ILE B 57 22.48 -1.60 -31.39
CA ILE B 57 21.33 -2.39 -30.99
C ILE B 57 20.20 -2.16 -32.00
N LYS B 58 19.44 -3.23 -32.26
CA LYS B 58 18.32 -3.22 -33.18
C LYS B 58 17.03 -3.01 -32.37
N PHE B 59 16.72 -1.74 -32.09
CA PHE B 59 15.51 -1.37 -31.37
C PHE B 59 14.31 -1.56 -32.30
N LYS B 60 13.21 -2.10 -31.73
CA LYS B 60 12.02 -2.42 -32.49
C LYS B 60 11.02 -1.26 -32.45
N HIS B 61 11.22 -0.30 -31.54
CA HIS B 61 10.22 0.72 -31.27
C HIS B 61 10.43 1.99 -32.08
N ILE B 62 11.64 2.16 -32.66
CA ILE B 62 11.98 3.42 -33.29
C ILE B 62 11.22 3.55 -34.61
N THR B 63 10.42 4.62 -34.70
CA THR B 63 9.47 4.82 -35.78
C THR B 63 9.81 6.14 -36.48
N PRO B 64 10.62 6.11 -37.56
CA PRO B 64 11.11 7.33 -38.22
C PRO B 64 10.05 8.39 -38.45
N GLU B 71 11.97 14.05 -30.75
CA GLU B 71 12.92 14.27 -29.63
C GLU B 71 13.37 12.92 -29.07
N VAL B 72 14.50 12.92 -28.34
CA VAL B 72 15.07 11.72 -27.77
C VAL B 72 14.29 11.28 -26.54
N ALA B 73 13.79 12.25 -25.75
CA ALA B 73 13.09 11.95 -24.51
C ALA B 73 11.82 11.15 -24.79
N ILE B 74 11.16 11.48 -25.90
CA ILE B 74 9.93 10.81 -26.32
C ILE B 74 10.27 9.41 -26.82
N ARG B 75 11.37 9.31 -27.59
CA ARG B 75 11.81 8.04 -28.15
C ARG B 75 12.16 7.05 -27.05
N ILE B 76 12.76 7.55 -25.96
CA ILE B 76 13.10 6.71 -24.82
C ILE B 76 11.82 6.22 -24.16
N PHE B 77 10.87 7.16 -23.96
CA PHE B 77 9.62 6.86 -23.29
C PHE B 77 8.83 5.82 -24.10
N GLN B 78 8.81 5.96 -25.43
CA GLN B 78 8.14 5.02 -26.30
C GLN B 78 8.79 3.63 -26.19
N GLY B 79 10.11 3.61 -26.00
CA GLY B 79 10.83 2.37 -25.81
C GLY B 79 10.33 1.63 -24.58
N CYS B 80 10.08 2.39 -23.49
CA CYS B 80 9.54 1.84 -22.26
C CYS B 80 8.12 1.33 -22.50
N GLN B 81 7.35 2.04 -23.31
CA GLN B 81 5.98 1.64 -23.62
C GLN B 81 5.98 0.35 -24.43
N PHE B 82 6.89 0.24 -25.39
CA PHE B 82 6.99 -0.93 -26.24
C PHE B 82 7.23 -2.17 -25.37
N ARG B 83 8.26 -2.09 -24.51
CA ARG B 83 8.64 -3.18 -23.64
C ARG B 83 7.49 -3.52 -22.69
N SER B 84 6.84 -2.49 -22.13
CA SER B 84 5.71 -2.68 -21.23
C SER B 84 4.63 -3.54 -21.88
N VAL B 85 4.30 -3.24 -23.15
CA VAL B 85 3.28 -3.98 -23.88
C VAL B 85 3.71 -5.43 -24.09
N GLU B 86 5.00 -5.67 -24.32
CA GLU B 86 5.52 -7.03 -24.42
C GLU B 86 5.36 -7.76 -23.09
N ALA B 87 5.63 -7.04 -22.00
CA ALA B 87 5.59 -7.62 -20.66
C ALA B 87 4.15 -8.03 -20.31
N VAL B 88 3.18 -7.19 -20.72
CA VAL B 88 1.77 -7.51 -20.48
C VAL B 88 1.46 -8.92 -21.02
N GLN B 89 1.99 -9.25 -22.20
CA GLN B 89 1.65 -10.51 -22.86
C GLN B 89 2.33 -11.67 -22.14
N GLU B 90 3.57 -11.47 -21.68
CA GLU B 90 4.27 -12.46 -20.88
C GLU B 90 3.52 -12.73 -19.58
N ILE B 91 3.02 -11.67 -18.94
CA ILE B 91 2.32 -11.78 -17.67
C ILE B 91 0.98 -12.47 -17.89
N THR B 92 0.31 -12.13 -18.99
CA THR B 92 -0.99 -12.72 -19.33
C THR B 92 -0.83 -14.23 -19.48
N GLU B 93 0.28 -14.67 -20.08
CA GLU B 93 0.50 -16.08 -20.35
C GLU B 93 0.80 -16.78 -19.02
N TYR B 94 1.61 -16.14 -18.18
CA TYR B 94 1.94 -16.68 -16.87
C TYR B 94 0.67 -16.86 -16.03
N ALA B 95 -0.25 -15.88 -16.08
CA ALA B 95 -1.47 -15.92 -15.29
C ALA B 95 -2.25 -17.21 -15.54
N LYS B 96 -2.35 -17.57 -16.83
CA LYS B 96 -3.16 -18.71 -17.26
C LYS B 96 -2.64 -20.01 -16.68
N SER B 97 -1.33 -20.06 -16.36
CA SER B 97 -0.71 -21.24 -15.80
C SER B 97 -1.02 -21.40 -14.31
N ILE B 98 -1.55 -20.36 -13.66
CA ILE B 98 -1.78 -20.39 -12.22
C ILE B 98 -3.03 -21.23 -11.97
N PRO B 99 -2.95 -22.31 -11.15
CA PRO B 99 -4.11 -23.16 -10.88
C PRO B 99 -5.33 -22.34 -10.46
N GLY B 100 -6.39 -22.44 -11.26
CA GLY B 100 -7.67 -21.85 -10.94
C GLY B 100 -7.95 -20.57 -11.74
N PHE B 101 -6.90 -19.92 -12.25
CA PHE B 101 -7.07 -18.64 -12.92
C PHE B 101 -8.05 -18.78 -14.09
N VAL B 102 -7.85 -19.81 -14.93
CA VAL B 102 -8.60 -19.93 -16.18
C VAL B 102 -10.06 -20.29 -15.88
N ASN B 103 -10.32 -20.89 -14.71
CA ASN B 103 -11.66 -21.26 -14.32
C ASN B 103 -12.48 -20.04 -13.88
N LEU B 104 -11.80 -18.92 -13.60
CA LEU B 104 -12.48 -17.71 -13.16
C LEU B 104 -13.34 -17.15 -14.29
N ASP B 105 -14.43 -16.48 -13.90
CA ASP B 105 -15.22 -15.63 -14.77
C ASP B 105 -14.28 -14.81 -15.67
N LEU B 106 -14.61 -14.72 -16.96
CA LEU B 106 -13.71 -14.14 -17.93
C LEU B 106 -13.51 -12.64 -17.67
N ASN B 107 -14.56 -11.95 -17.20
CA ASN B 107 -14.45 -10.53 -16.88
C ASN B 107 -13.47 -10.33 -15.72
N ASP B 108 -13.50 -11.25 -14.74
CA ASP B 108 -12.65 -11.17 -13.57
C ASP B 108 -11.18 -11.35 -13.98
N GLN B 109 -10.93 -12.35 -14.82
CA GLN B 109 -9.60 -12.56 -15.39
C GLN B 109 -9.07 -11.27 -16.00
N VAL B 110 -9.88 -10.63 -16.85
CA VAL B 110 -9.51 -9.39 -17.51
C VAL B 110 -9.22 -8.33 -16.44
N THR B 111 -10.14 -8.21 -15.46
CA THR B 111 -10.02 -7.23 -14.39
C THR B 111 -8.70 -7.41 -13.64
N LEU B 112 -8.39 -8.65 -13.24
CA LEU B 112 -7.19 -8.96 -12.48
C LEU B 112 -5.95 -8.55 -13.26
N LEU B 113 -5.92 -8.87 -14.56
CA LEU B 113 -4.77 -8.54 -15.39
C LEU B 113 -4.71 -7.03 -15.60
N LYS B 114 -5.85 -6.40 -15.87
CA LYS B 114 -5.89 -4.96 -16.09
C LYS B 114 -5.14 -4.22 -14.98
N TYR B 115 -5.47 -4.52 -13.72
CA TYR B 115 -4.98 -3.77 -12.57
C TYR B 115 -3.67 -4.35 -12.05
N GLY B 116 -3.36 -5.60 -12.43
CA GLY B 116 -2.24 -6.32 -11.85
C GLY B 116 -0.94 -6.12 -12.63
N VAL B 117 -1.04 -5.83 -13.93
CA VAL B 117 0.12 -5.87 -14.81
C VAL B 117 1.11 -4.78 -14.40
N HIS B 118 0.61 -3.60 -14.01
CA HIS B 118 1.48 -2.49 -13.64
C HIS B 118 2.35 -2.84 -12.42
N GLU B 119 1.75 -3.42 -11.39
CA GLU B 119 2.50 -3.82 -10.20
C GLU B 119 3.57 -4.84 -10.59
N ILE B 120 3.21 -5.77 -11.48
CA ILE B 120 4.11 -6.84 -11.86
C ILE B 120 5.26 -6.29 -12.70
N ILE B 121 4.96 -5.37 -13.63
CA ILE B 121 5.98 -4.74 -14.45
C ILE B 121 7.10 -4.17 -13.59
N TYR B 122 6.77 -3.44 -12.51
CA TYR B 122 7.78 -2.77 -11.70
C TYR B 122 8.50 -3.77 -10.80
N THR B 123 7.81 -4.82 -10.37
CA THR B 123 8.44 -5.89 -9.63
C THR B 123 9.55 -6.53 -10.48
N MET B 124 9.23 -6.84 -11.73
CA MET B 124 10.15 -7.55 -12.59
C MET B 124 11.21 -6.60 -13.14
N LEU B 125 10.86 -5.31 -13.27
CA LEU B 125 11.83 -4.30 -13.66
C LEU B 125 12.93 -4.20 -12.61
N ALA B 126 12.56 -4.36 -11.32
CA ALA B 126 13.56 -4.35 -10.26
C ALA B 126 14.64 -5.40 -10.53
N SER B 127 14.24 -6.56 -11.09
CA SER B 127 15.17 -7.63 -11.41
C SER B 127 16.23 -7.13 -12.41
N LEU B 128 15.86 -6.21 -13.29
CA LEU B 128 16.74 -5.74 -14.35
C LEU B 128 17.53 -4.50 -13.91
N MET B 129 17.39 -4.10 -12.65
CA MET B 129 17.93 -2.83 -12.18
C MET B 129 18.98 -3.07 -11.08
N ASN B 130 20.01 -2.21 -11.10
CA ASN B 130 20.78 -1.89 -9.91
C ASN B 130 20.69 -0.38 -9.71
N LYS B 131 21.45 0.14 -8.74
CA LYS B 131 21.41 1.54 -8.38
C LYS B 131 21.99 2.43 -9.50
N ASP B 132 22.65 1.83 -10.49
CA ASP B 132 23.33 2.61 -11.53
C ASP B 132 22.49 2.69 -12.81
N GLY B 133 21.66 1.69 -13.10
CA GLY B 133 20.87 1.71 -14.31
C GLY B 133 20.00 0.46 -14.49
N VAL B 134 19.50 0.29 -15.72
CA VAL B 134 18.52 -0.73 -16.04
C VAL B 134 18.89 -1.39 -17.37
N LEU B 135 18.75 -2.72 -17.41
CA LEU B 135 18.91 -3.48 -18.65
C LEU B 135 17.72 -3.22 -19.56
N ILE B 136 18.01 -3.07 -20.87
CA ILE B 136 16.98 -2.88 -21.89
C ILE B 136 17.25 -3.82 -23.06
N SER B 137 16.25 -3.92 -23.94
CA SER B 137 16.33 -4.73 -25.15
C SER B 137 16.95 -6.09 -24.86
N GLU B 138 16.27 -6.86 -24.00
CA GLU B 138 16.63 -8.25 -23.70
C GLU B 138 18.03 -8.32 -23.09
N GLY B 139 18.47 -7.25 -22.42
CA GLY B 139 19.73 -7.24 -21.69
C GLY B 139 20.95 -7.00 -22.58
N GLN B 140 20.72 -6.57 -23.83
CA GLN B 140 21.78 -6.18 -24.74
C GLN B 140 22.25 -4.77 -24.42
N GLY B 141 21.35 -3.98 -23.82
CA GLY B 141 21.64 -2.60 -23.48
C GLY B 141 21.65 -2.42 -21.97
N PHE B 142 22.07 -1.23 -21.55
CA PHE B 142 22.02 -0.80 -20.16
C PHE B 142 21.93 0.71 -20.15
N MET B 143 20.73 1.24 -19.88
CA MET B 143 20.53 2.67 -19.81
C MET B 143 20.80 3.13 -18.38
N THR B 144 21.69 4.12 -18.25
CA THR B 144 22.15 4.57 -16.95
C THR B 144 21.06 5.36 -16.26
N ARG B 145 21.06 5.30 -14.93
CA ARG B 145 20.08 5.99 -14.11
C ARG B 145 20.27 7.50 -14.25
N GLU B 146 21.54 7.94 -14.22
CA GLU B 146 21.89 9.34 -14.38
C GLU B 146 21.37 9.88 -15.70
N PHE B 147 21.56 9.12 -16.78
CA PHE B 147 21.11 9.56 -18.09
C PHE B 147 19.60 9.79 -18.09
N LEU B 148 18.86 8.89 -17.43
CA LEU B 148 17.41 8.98 -17.39
C LEU B 148 16.95 10.18 -16.57
N LYS B 149 17.63 10.45 -15.46
CA LYS B 149 17.33 11.62 -14.63
C LYS B 149 17.41 12.90 -15.48
N SER B 150 18.49 13.01 -16.27
CA SER B 150 18.80 14.23 -17.01
C SER B 150 17.97 14.29 -18.30
N LEU B 151 16.64 14.25 -18.16
CA LEU B 151 15.73 14.44 -19.28
C LEU B 151 14.75 15.54 -18.92
N ARG B 152 13.92 15.96 -19.88
CA ARG B 152 12.99 17.06 -19.68
C ARG B 152 12.13 16.79 -18.44
N LYS B 153 11.54 17.86 -17.90
CA LYS B 153 10.89 17.83 -16.60
C LYS B 153 9.85 16.71 -16.52
N PRO B 154 9.02 16.48 -17.58
CA PRO B 154 8.06 15.38 -17.56
C PRO B 154 8.73 14.02 -17.41
N PHE B 155 9.71 13.76 -18.28
CA PHE B 155 10.26 12.42 -18.46
C PHE B 155 11.42 12.16 -17.51
N GLY B 156 12.00 13.23 -16.94
CA GLY B 156 13.16 13.10 -16.07
C GLY B 156 12.81 12.44 -14.73
N ASP B 157 11.54 12.52 -14.33
CA ASP B 157 11.08 11.94 -13.07
C ASP B 157 10.24 10.69 -13.34
N PHE B 158 10.42 10.10 -14.53
CA PHE B 158 9.66 8.93 -14.94
C PHE B 158 10.16 7.70 -14.20
N MET B 159 11.44 7.37 -14.41
CA MET B 159 12.01 6.10 -14.00
C MET B 159 12.63 6.18 -12.61
N GLU B 160 12.82 7.40 -12.08
CA GLU B 160 13.56 7.60 -10.85
C GLU B 160 12.88 6.91 -9.66
N PRO B 161 11.55 7.04 -9.46
CA PRO B 161 10.88 6.31 -8.38
C PRO B 161 10.82 4.79 -8.56
N LYS B 162 11.08 4.30 -9.78
CA LYS B 162 11.22 2.87 -10.03
C LYS B 162 12.56 2.38 -9.48
N PHE B 163 13.63 3.17 -9.71
CA PHE B 163 14.95 2.86 -9.19
C PHE B 163 14.93 2.87 -7.66
N GLU B 164 14.23 3.83 -7.07
CA GLU B 164 14.15 3.97 -5.63
C GLU B 164 13.49 2.72 -5.04
N PHE B 165 12.42 2.25 -5.71
CA PHE B 165 11.74 1.03 -5.33
C PHE B 165 12.68 -0.17 -5.48
N ALA B 166 13.37 -0.23 -6.63
CA ALA B 166 14.15 -1.39 -7.00
C ALA B 166 15.29 -1.63 -6.01
N VAL B 167 15.94 -0.55 -5.55
CA VAL B 167 17.06 -0.67 -4.65
C VAL B 167 16.61 -1.31 -3.33
N LYS B 168 15.45 -0.87 -2.82
CA LYS B 168 14.90 -1.45 -1.61
C LYS B 168 14.49 -2.90 -1.85
N PHE B 169 13.76 -3.13 -2.94
CA PHE B 169 13.21 -4.45 -3.23
C PHE B 169 14.34 -5.46 -3.41
N ASN B 170 15.39 -5.06 -4.14
CA ASN B 170 16.50 -5.96 -4.46
C ASN B 170 17.29 -6.35 -3.22
N ALA B 171 17.20 -5.53 -2.15
CA ALA B 171 17.90 -5.80 -0.91
C ALA B 171 17.30 -7.02 -0.19
N LEU B 172 16.05 -7.39 -0.53
CA LEU B 172 15.44 -8.60 -0.02
C LEU B 172 16.05 -9.84 -0.70
N GLU B 173 16.77 -9.64 -1.80
CA GLU B 173 17.54 -10.70 -2.44
C GLU B 173 16.67 -11.92 -2.77
N LEU B 174 15.46 -11.67 -3.27
CA LEU B 174 14.58 -12.74 -3.73
C LEU B 174 15.16 -13.37 -4.99
N ASP B 175 14.78 -14.62 -5.25
CA ASP B 175 15.14 -15.28 -6.50
C ASP B 175 13.88 -15.53 -7.34
N ASP B 176 14.10 -16.05 -8.55
CA ASP B 176 13.05 -16.33 -9.51
C ASP B 176 11.98 -17.23 -8.88
N SER B 177 12.41 -18.24 -8.11
CA SER B 177 11.47 -19.17 -7.51
C SER B 177 10.60 -18.44 -6.49
N ASP B 178 11.19 -17.51 -5.73
CA ASP B 178 10.43 -16.64 -4.85
C ASP B 178 9.51 -15.72 -5.67
N LEU B 179 10.07 -15.06 -6.68
CA LEU B 179 9.34 -14.04 -7.42
C LEU B 179 8.13 -14.66 -8.11
N ALA B 180 8.29 -15.90 -8.60
CA ALA B 180 7.23 -16.60 -9.31
C ALA B 180 5.97 -16.69 -8.44
N ILE B 181 6.12 -17.00 -7.14
CA ILE B 181 4.98 -17.11 -6.26
C ILE B 181 4.46 -15.71 -5.90
N PHE B 182 5.39 -14.76 -5.68
CA PHE B 182 5.02 -13.40 -5.33
C PHE B 182 4.14 -12.78 -6.42
N ILE B 183 4.54 -12.96 -7.70
CA ILE B 183 3.82 -12.38 -8.82
C ILE B 183 2.39 -12.95 -8.86
N ALA B 184 2.26 -14.26 -8.62
CA ALA B 184 0.97 -14.92 -8.64
C ALA B 184 0.04 -14.29 -7.59
N VAL B 185 0.60 -13.98 -6.42
CA VAL B 185 -0.17 -13.42 -5.32
C VAL B 185 -0.75 -12.09 -5.77
N ILE B 186 0.08 -11.26 -6.42
CA ILE B 186 -0.33 -9.95 -6.89
C ILE B 186 -1.50 -10.11 -7.85
N ILE B 187 -1.41 -11.06 -8.78
CA ILE B 187 -2.40 -11.21 -9.83
C ILE B 187 -3.75 -11.54 -9.20
N LEU B 188 -3.76 -12.48 -8.25
CA LEU B 188 -5.00 -12.95 -7.63
C LEU B 188 -5.36 -12.08 -6.44
N SER B 189 -5.46 -10.76 -6.65
CA SER B 189 -5.86 -9.82 -5.62
C SER B 189 -7.36 -9.60 -5.68
N GLY B 190 -8.04 -9.92 -4.57
CA GLY B 190 -9.50 -9.90 -4.51
C GLY B 190 -10.09 -8.50 -4.38
N ASP B 191 -9.24 -7.47 -4.25
CA ASP B 191 -9.72 -6.12 -3.91
C ASP B 191 -9.75 -5.23 -5.15
N ARG B 192 -9.55 -5.81 -6.34
CA ARG B 192 -9.60 -5.03 -7.57
C ARG B 192 -11.04 -4.60 -7.82
N PRO B 193 -11.28 -3.35 -8.28
CA PRO B 193 -12.63 -2.88 -8.55
C PRO B 193 -13.26 -3.58 -9.75
N GLY B 194 -14.58 -3.81 -9.67
CA GLY B 194 -15.36 -4.37 -10.78
C GLY B 194 -15.38 -5.89 -10.77
N LEU B 195 -14.76 -6.52 -9.76
CA LEU B 195 -14.74 -7.98 -9.69
C LEU B 195 -16.15 -8.47 -9.35
N LEU B 196 -16.52 -9.62 -9.93
CA LEU B 196 -17.86 -10.17 -9.81
C LEU B 196 -17.89 -11.25 -8.73
N ASN B 197 -16.81 -12.03 -8.61
CA ASN B 197 -16.81 -13.18 -7.72
C ASN B 197 -15.45 -13.30 -7.03
N VAL B 198 -15.36 -12.67 -5.84
CA VAL B 198 -14.12 -12.56 -5.09
C VAL B 198 -13.77 -13.87 -4.39
N LYS B 199 -14.77 -14.70 -4.12
CA LYS B 199 -14.57 -15.93 -3.36
C LYS B 199 -13.43 -16.75 -3.95
N PRO B 200 -13.53 -17.27 -5.20
CA PRO B 200 -12.50 -18.16 -5.74
C PRO B 200 -11.16 -17.45 -5.97
N ILE B 201 -11.19 -16.13 -6.14
CA ILE B 201 -9.97 -15.35 -6.28
C ILE B 201 -9.17 -15.41 -4.99
N GLU B 202 -9.83 -15.14 -3.86
CA GLU B 202 -9.15 -15.09 -2.57
C GLU B 202 -8.78 -16.49 -2.11
N ASP B 203 -9.59 -17.48 -2.49
CA ASP B 203 -9.29 -18.87 -2.19
C ASP B 203 -7.97 -19.28 -2.86
N ILE B 204 -7.72 -18.78 -4.08
CA ILE B 204 -6.50 -19.12 -4.80
C ILE B 204 -5.34 -18.34 -4.18
N GLN B 205 -5.56 -17.07 -3.85
CA GLN B 205 -4.51 -16.26 -3.28
C GLN B 205 -4.08 -16.83 -1.92
N ASP B 206 -5.05 -17.30 -1.13
CA ASP B 206 -4.79 -17.99 0.13
C ASP B 206 -3.77 -19.09 -0.10
N ASN B 207 -4.05 -19.92 -1.10
CA ASN B 207 -3.22 -21.06 -1.48
C ASN B 207 -1.83 -20.58 -1.88
N LEU B 208 -1.77 -19.49 -2.66
CA LEU B 208 -0.49 -18.96 -3.12
C LEU B 208 0.28 -18.34 -1.96
N LEU B 209 -0.43 -17.61 -1.07
CA LEU B 209 0.20 -16.97 0.07
C LEU B 209 0.84 -18.03 0.98
N GLN B 210 0.13 -19.15 1.17
CA GLN B 210 0.67 -20.27 1.94
C GLN B 210 1.94 -20.81 1.29
N ALA B 211 1.95 -20.90 -0.04
CA ALA B 211 3.09 -21.44 -0.76
C ALA B 211 4.27 -20.48 -0.69
N LEU B 212 3.99 -19.18 -0.80
CA LEU B 212 5.04 -18.16 -0.70
C LEU B 212 5.66 -18.23 0.69
N GLU B 213 4.83 -18.36 1.72
CA GLU B 213 5.29 -18.42 3.10
C GLU B 213 6.31 -19.55 3.24
N LEU B 214 5.92 -20.76 2.81
CA LEU B 214 6.76 -21.94 2.94
C LEU B 214 8.04 -21.75 2.13
N GLN B 215 7.88 -21.29 0.88
CA GLN B 215 8.99 -21.05 -0.03
C GLN B 215 10.06 -20.19 0.65
N LEU B 216 9.63 -19.06 1.24
CA LEU B 216 10.54 -18.10 1.86
C LEU B 216 11.21 -18.72 3.09
N LYS B 217 10.45 -19.48 3.88
CA LYS B 217 10.99 -20.14 5.07
C LYS B 217 12.05 -21.15 4.67
N LEU B 218 11.81 -21.90 3.59
CA LEU B 218 12.75 -22.92 3.13
C LEU B 218 13.93 -22.27 2.41
N ASN B 219 13.65 -21.22 1.63
CA ASN B 219 14.65 -20.64 0.74
C ASN B 219 15.41 -19.52 1.45
N HIS B 220 14.83 -18.93 2.50
CA HIS B 220 15.45 -17.84 3.22
C HIS B 220 15.27 -18.06 4.72
N PRO B 221 15.88 -19.13 5.29
CA PRO B 221 15.64 -19.50 6.68
C PRO B 221 16.12 -18.49 7.71
N GLU B 222 17.17 -17.73 7.35
CA GLU B 222 17.78 -16.77 8.25
C GLU B 222 17.05 -15.42 8.23
N SER B 223 16.22 -15.18 7.19
CA SER B 223 15.57 -13.89 7.01
C SER B 223 14.22 -13.87 7.73
N SER B 224 14.22 -13.31 8.96
CA SER B 224 13.05 -13.31 9.81
C SER B 224 11.97 -12.41 9.22
N GLN B 225 10.74 -12.96 9.12
CA GLN B 225 9.58 -12.21 8.65
C GLN B 225 9.82 -11.63 7.26
N LEU B 226 10.52 -12.38 6.39
CA LEU B 226 10.67 -11.98 4.99
C LEU B 226 9.29 -11.92 4.35
N PHE B 227 8.43 -12.87 4.72
CA PHE B 227 7.06 -12.91 4.22
C PHE B 227 6.37 -11.57 4.43
N ALA B 228 6.38 -11.09 5.68
CA ALA B 228 5.73 -9.84 6.04
C ALA B 228 6.33 -8.69 5.24
N LYS B 229 7.66 -8.67 5.16
CA LYS B 229 8.39 -7.62 4.45
C LYS B 229 7.98 -7.60 2.98
N LEU B 230 7.83 -8.80 2.40
CA LEU B 230 7.45 -8.90 1.00
C LEU B 230 6.01 -8.41 0.83
N LEU B 231 5.14 -8.73 1.78
CA LEU B 231 3.75 -8.29 1.72
C LEU B 231 3.67 -6.76 1.81
N GLN B 232 4.56 -6.16 2.61
CA GLN B 232 4.60 -4.72 2.78
C GLN B 232 5.02 -4.04 1.48
N LYS B 233 5.92 -4.69 0.73
CA LYS B 233 6.38 -4.16 -0.56
C LYS B 233 5.23 -4.08 -1.56
N MET B 234 4.22 -4.95 -1.42
CA MET B 234 3.05 -4.89 -2.29
C MET B 234 2.33 -3.56 -2.13
N THR B 235 2.35 -3.02 -0.90
CA THR B 235 1.81 -1.69 -0.64
C THR B 235 2.63 -0.63 -1.37
N ASP B 236 3.97 -0.79 -1.37
CA ASP B 236 4.85 0.14 -2.06
C ASP B 236 4.63 0.08 -3.57
N LEU B 237 4.21 -1.08 -4.09
CA LEU B 237 3.97 -1.24 -5.52
C LEU B 237 2.75 -0.42 -5.92
N ARG B 238 1.66 -0.56 -5.16
CA ARG B 238 0.42 0.14 -5.44
C ARG B 238 0.62 1.65 -5.33
N GLN B 239 1.52 2.08 -4.44
CA GLN B 239 1.82 3.50 -4.29
C GLN B 239 2.53 3.99 -5.54
N ILE B 240 3.58 3.26 -5.96
CA ILE B 240 4.31 3.60 -7.17
C ILE B 240 3.38 3.64 -8.36
N VAL B 241 2.43 2.70 -8.44
CA VAL B 241 1.57 2.58 -9.61
C VAL B 241 0.64 3.79 -9.69
N THR B 242 0.07 4.20 -8.55
CA THR B 242 -0.82 5.37 -8.53
C THR B 242 -0.04 6.61 -8.96
N GLU B 243 1.22 6.74 -8.51
CA GLU B 243 2.05 7.88 -8.85
C GLU B 243 2.46 7.84 -10.33
N HIS B 244 2.67 6.63 -10.85
CA HIS B 244 3.04 6.46 -12.25
C HIS B 244 1.86 6.84 -13.15
N VAL B 245 0.66 6.41 -12.77
CA VAL B 245 -0.54 6.58 -13.58
C VAL B 245 -0.84 8.07 -13.73
N GLN B 246 -0.76 8.83 -12.62
CA GLN B 246 -1.10 10.25 -12.64
C GLN B 246 -0.08 11.01 -13.50
N LEU B 247 1.20 10.63 -13.40
CA LEU B 247 2.23 11.18 -14.26
C LEU B 247 1.94 10.82 -15.71
N LEU B 248 1.45 9.60 -15.95
CA LEU B 248 1.24 9.08 -17.29
C LEU B 248 0.06 9.76 -17.95
N GLN B 249 -0.86 10.33 -17.15
CA GLN B 249 -1.98 11.08 -17.68
C GLN B 249 -1.50 12.41 -18.25
N VAL B 250 -0.62 13.10 -17.52
CA VAL B 250 -0.02 14.34 -17.99
C VAL B 250 0.67 14.06 -19.33
N ILE B 251 1.49 13.00 -19.35
CA ILE B 251 2.27 12.63 -20.53
C ILE B 251 1.33 12.34 -21.71
N LYS B 252 0.37 11.42 -21.52
CA LYS B 252 -0.52 10.99 -22.58
C LYS B 252 -1.29 12.19 -23.14
N LYS B 253 -1.86 12.99 -22.23
CA LYS B 253 -2.67 14.13 -22.60
C LYS B 253 -1.80 15.23 -23.22
N THR B 254 -0.67 15.54 -22.57
CA THR B 254 0.13 16.69 -22.94
C THR B 254 0.98 16.39 -24.18
N GLU B 255 2.14 15.75 -23.99
CA GLU B 255 3.19 15.74 -24.99
C GLU B 255 3.13 14.53 -25.92
N THR B 256 2.47 13.45 -25.48
CA THR B 256 2.56 12.16 -26.16
C THR B 256 1.62 12.12 -27.37
N ASP B 257 0.32 12.28 -27.14
CA ASP B 257 -0.68 12.15 -28.19
C ASP B 257 -0.49 13.22 -29.28
N MET B 258 0.37 14.21 -29.02
CA MET B 258 0.69 15.24 -30.00
C MET B 258 1.61 14.68 -31.08
N SER B 259 2.53 13.79 -30.68
CA SER B 259 3.58 13.30 -31.56
C SER B 259 3.27 11.89 -32.06
N LEU B 260 2.16 11.29 -31.61
CA LEU B 260 1.88 9.88 -31.92
C LEU B 260 0.84 9.79 -33.03
N HIS B 261 1.01 8.73 -33.84
CA HIS B 261 0.08 8.27 -34.86
C HIS B 261 -1.18 7.75 -34.16
N PRO B 262 -2.41 8.02 -34.67
CA PRO B 262 -3.63 7.50 -34.04
C PRO B 262 -3.61 6.01 -33.66
N LEU B 263 -3.12 5.15 -34.57
CA LEU B 263 -3.02 3.72 -34.30
C LEU B 263 -2.09 3.48 -33.10
N LEU B 264 -0.95 4.16 -33.07
CA LEU B 264 0.02 3.99 -32.00
C LEU B 264 -0.62 4.33 -30.66
N GLN B 265 -1.45 5.39 -30.63
CA GLN B 265 -2.17 5.79 -29.44
C GLN B 265 -3.10 4.67 -28.99
N GLU B 266 -3.71 3.96 -29.96
CA GLU B 266 -4.60 2.85 -29.66
C GLU B 266 -3.82 1.70 -29.02
N ILE B 267 -2.61 1.43 -29.54
CA ILE B 267 -1.80 0.33 -29.04
C ILE B 267 -1.36 0.62 -27.61
N TYR B 268 -0.96 1.87 -27.34
CA TYR B 268 -0.46 2.28 -26.03
C TYR B 268 -1.54 3.03 -25.25
N LYS B 269 -2.79 2.60 -25.39
CA LYS B 269 -3.92 3.29 -24.74
C LYS B 269 -3.88 3.06 -23.24
N ASP B 270 -3.37 1.90 -22.81
CA ASP B 270 -3.25 1.53 -21.42
C ASP B 270 -4.64 1.38 -20.78
C1 EDO C . -17.18 15.11 15.71
O1 EDO C . -17.81 16.27 15.20
C2 EDO C . -16.98 15.16 17.18
O2 EDO C . -16.07 14.19 17.65
C1 PEG D . -30.17 -0.55 26.81
O1 PEG D . -29.75 -1.20 25.62
C2 PEG D . -29.10 0.36 27.37
O2 PEG D . -29.54 0.94 28.59
C3 PEG D . -28.51 1.58 29.33
C4 PEG D . -27.73 0.57 30.14
O4 PEG D . -26.48 1.08 30.58
C1 PEG E . 9.19 -0.40 -18.24
O1 PEG E . 9.97 0.72 -18.61
C2 PEG E . 9.71 -1.69 -18.82
O2 PEG E . 9.19 -2.78 -18.08
C3 PEG E . 9.70 -4.05 -18.50
C4 PEG E . 9.98 -4.92 -17.30
O4 PEG E . 8.88 -5.73 -16.95
#